data_7WCL
#
_entry.id   7WCL
#
_cell.length_a   210.831
_cell.length_b   49.594
_cell.length_c   66.804
_cell.angle_alpha   90.000
_cell.angle_beta   107.500
_cell.angle_gamma   90.000
#
_symmetry.space_group_name_H-M   'C 1 2 1'
#
loop_
_entity.id
_entity.type
_entity.pdbx_description
1 polymer 'Fibroblast growth factor receptor 1'
2 non-polymer 11-[2,6-bis(fluoranyl)-3,5-dimethoxy-phenyl]-13-ethyl-4-(morpholin-4-ylmethyl)-5,7,11,13-tetrazatricyclo[7.4.0.0^{2,6}]trideca-1(9),2(6),3,7-tetraen-12-one
3 non-polymer 'SULFATE ION'
4 water water
#
_entity_poly.entity_id   1
_entity_poly.type   'polypeptide(L)'
_entity_poly.pdbx_seq_one_letter_code
;GPAGVSEYELPEDPRWELPRDRLVLGKPLGEGCFGQVVLAEAIGLDKDKPNRVTKVAVKMLKSDATEKDLSDLISEMEMM
KMIGKHKNIINLLGACTQDGPLYVIVEYASKGNLREYLQARRPPGLEYSYNPSHNPEEQLSSKDLVSCAYQVARGMEYLA
SKKCIHRDLAARNVLVTEDNVMKIADFGLARDIHHIDYYKKTTNGRLPVKWMAPEALFDRIYTHQSDVWSFGVLLWEIFT
LGGSPYPGVPVEELFKLLKEGHRMDKPSNCTNELYMMMRDCWHAVPSQRPTFKQLVEDLDRIVALTSNQE
;
_entity_poly.pdbx_strand_id   A,B
#
loop_
_chem_comp.id
_chem_comp.type
_chem_comp.name
_chem_comp.formula
8ZF non-polymer 11-[2,6-bis(fluoranyl)-3,5-dimethoxy-phenyl]-13-ethyl-4-(morpholin-4-ylmethyl)-5,7,11,13-tetrazatricyclo[7.4.0.0^{2,6}]trideca-1(9),2(6),3,7-tetraen-12-one 'C24 H27 F2 N5 O4'
SO4 non-polymer 'SULFATE ION' 'O4 S -2'
#
# COMPACT_ATOMS: atom_id res chain seq x y z
N GLY A 4 41.80 -20.11 -10.91
CA GLY A 4 41.62 -19.81 -9.49
C GLY A 4 41.54 -18.31 -9.25
N VAL A 5 40.74 -17.92 -8.25
CA VAL A 5 40.55 -16.51 -7.93
C VAL A 5 41.82 -15.91 -7.31
N SER A 6 42.69 -16.77 -6.79
CA SER A 6 43.98 -16.36 -6.27
C SER A 6 44.97 -16.11 -7.41
N GLU A 7 44.62 -16.60 -8.60
CA GLU A 7 45.47 -16.46 -9.78
C GLU A 7 45.17 -15.16 -10.54
N TYR A 8 44.22 -14.39 -10.03
CA TYR A 8 43.89 -13.09 -10.61
C TYR A 8 44.20 -11.97 -9.62
N GLU A 9 44.41 -10.76 -10.14
CA GLU A 9 44.65 -9.60 -9.28
C GLU A 9 43.37 -8.80 -9.10
N LEU A 10 42.69 -9.04 -7.99
CA LEU A 10 41.45 -8.32 -7.68
C LEU A 10 41.77 -6.92 -7.15
N PRO A 11 41.08 -5.90 -7.68
CA PRO A 11 41.30 -4.51 -7.28
C PRO A 11 40.76 -4.21 -5.89
N GLU A 12 41.64 -4.14 -4.89
CA GLU A 12 41.21 -3.82 -3.53
C GLU A 12 41.05 -2.31 -3.33
N ASP A 13 39.87 -1.91 -2.92
CA ASP A 13 39.57 -0.52 -2.62
C ASP A 13 39.27 -0.41 -1.12
N PRO A 14 40.21 0.17 -0.35
CA PRO A 14 40.12 0.26 1.11
C PRO A 14 38.83 0.91 1.59
N ARG A 15 38.30 1.86 0.83
CA ARG A 15 37.06 2.53 1.20
C ARG A 15 35.86 1.58 1.10
N TRP A 16 35.98 0.54 0.28
CA TRP A 16 34.85 -0.35 0.03
C TRP A 16 35.07 -1.76 0.58
N GLU A 17 36.31 -2.07 0.94
CA GLU A 17 36.66 -3.44 1.33
C GLU A 17 36.06 -3.84 2.66
N LEU A 18 35.42 -5.01 2.70
CA LEU A 18 34.88 -5.55 3.93
C LEU A 18 35.37 -6.98 4.14
N PRO A 19 35.80 -7.32 5.37
CA PRO A 19 36.18 -8.69 5.69
C PRO A 19 35.01 -9.65 5.52
N ARG A 20 35.29 -10.84 4.98
CA ARG A 20 34.25 -11.84 4.73
C ARG A 20 33.53 -12.30 6.00
N ASP A 21 34.28 -12.37 7.11
CA ASP A 21 33.71 -12.86 8.36
C ASP A 21 32.78 -11.84 9.00
N ARG A 22 32.52 -10.74 8.29
CA ARG A 22 31.57 -9.75 8.73
C ARG A 22 30.23 -10.00 8.04
N LEU A 23 30.24 -10.90 7.08
CA LEU A 23 29.02 -11.29 6.38
C LEU A 23 28.49 -12.60 6.94
N VAL A 24 27.19 -12.62 7.22
CA VAL A 24 26.50 -13.84 7.60
C VAL A 24 25.54 -14.21 6.47
N LEU A 25 25.99 -15.09 5.59
CA LEU A 25 25.26 -15.42 4.38
C LEU A 25 23.92 -16.10 4.67
N GLY A 26 22.91 -15.78 3.86
CA GLY A 26 21.59 -16.34 4.04
C GLY A 26 20.98 -16.89 2.76
N LYS A 27 19.67 -16.75 2.63
CA LYS A 27 18.92 -17.35 1.52
C LYS A 27 19.33 -16.77 0.16
N PRO A 28 19.16 -17.58 -0.90
CA PRO A 28 19.35 -17.11 -2.28
C PRO A 28 18.37 -16.00 -2.64
N LEU A 29 18.83 -14.98 -3.34
CA LEU A 29 17.94 -13.90 -3.77
C LEU A 29 17.62 -14.03 -5.26
N GLY A 30 18.41 -14.83 -5.96
CA GLY A 30 18.16 -15.07 -7.37
C GLY A 30 19.44 -15.38 -8.12
N GLU A 31 19.29 -15.59 -9.42
CA GLU A 31 20.43 -15.94 -10.29
C GLU A 31 20.50 -14.98 -11.49
N GLY A 32 21.12 -15.47 -12.57
CA GLY A 32 21.31 -14.70 -13.80
C GLY A 32 22.25 -15.42 -14.75
N CYS A 33 22.87 -14.69 -15.68
CA CYS A 33 23.79 -15.26 -16.69
C CYS A 33 24.81 -16.20 -16.04
N PHE A 34 25.68 -15.70 -15.18
CA PHE A 34 26.70 -16.54 -14.51
C PHE A 34 26.92 -16.04 -13.08
N GLY A 35 26.05 -15.12 -12.64
CA GLY A 35 26.14 -14.55 -11.29
C GLY A 35 25.15 -15.15 -10.32
N GLN A 36 25.51 -15.16 -9.05
CA GLN A 36 24.66 -15.67 -7.96
C GLN A 36 24.49 -14.52 -6.96
N VAL A 37 23.29 -14.33 -6.46
CA VAL A 37 23.03 -13.31 -5.46
C VAL A 37 22.39 -13.91 -4.21
N VAL A 38 23.00 -13.67 -3.05
CA VAL A 38 22.47 -14.18 -1.80
C VAL A 38 22.15 -13.05 -0.83
N LEU A 39 21.26 -13.34 0.12
CA LEU A 39 20.98 -12.45 1.23
C LEU A 39 22.06 -12.62 2.29
N ALA A 40 22.42 -11.54 2.97
CA ALA A 40 23.41 -11.62 4.03
C ALA A 40 23.17 -10.58 5.11
N GLU A 41 23.79 -10.79 6.27
CA GLU A 41 23.79 -9.80 7.33
C GLU A 41 25.20 -9.28 7.52
N ALA A 42 25.40 -7.99 7.29
CA ALA A 42 26.73 -7.39 7.41
C ALA A 42 26.91 -6.75 8.78
N ILE A 43 27.94 -7.20 9.49
CA ILE A 43 28.25 -6.66 10.81
C ILE A 43 29.19 -5.46 10.72
N GLY A 44 28.69 -4.29 11.09
CA GLY A 44 29.49 -3.08 11.09
C GLY A 44 29.83 -2.57 9.70
N LEU A 45 28.82 -2.49 8.84
CA LEU A 45 29.02 -1.99 7.48
C LEU A 45 29.49 -0.54 7.54
N ASP A 46 28.91 0.23 8.45
CA ASP A 46 29.35 1.61 8.69
C ASP A 46 30.36 1.63 9.84
N LYS A 47 31.49 2.30 9.62
CA LYS A 47 32.56 2.34 10.61
C LYS A 47 32.11 3.01 11.91
N ASP A 48 31.12 3.88 11.83
CA ASP A 48 30.59 4.57 13.00
C ASP A 48 29.80 3.63 13.90
N LYS A 49 29.11 2.66 13.29
CA LYS A 49 28.32 1.70 14.04
C LYS A 49 28.80 0.27 13.78
N PRO A 50 29.87 -0.14 14.49
CA PRO A 50 30.50 -1.45 14.28
C PRO A 50 29.73 -2.61 14.92
N ASN A 51 28.76 -2.31 15.77
CA ASN A 51 27.99 -3.34 16.43
C ASN A 51 26.57 -3.43 15.88
N ARG A 52 26.36 -2.86 14.71
CA ARG A 52 25.05 -2.86 14.08
C ARG A 52 25.00 -3.86 12.93
N VAL A 53 23.84 -4.49 12.76
CA VAL A 53 23.64 -5.45 11.67
C VAL A 53 22.83 -4.81 10.55
N THR A 54 23.26 -5.04 9.31
CA THR A 54 22.55 -4.51 8.15
C THR A 54 22.27 -5.61 7.14
N LYS A 55 21.00 -5.78 6.77
CA LYS A 55 20.64 -6.72 5.72
C LYS A 55 21.14 -6.20 4.37
N VAL A 56 21.89 -7.03 3.67
CA VAL A 56 22.42 -6.63 2.36
C VAL A 56 22.29 -7.76 1.34
N ALA A 57 22.53 -7.43 0.08
CA ALA A 57 22.55 -8.43 -0.97
C ALA A 57 23.98 -8.61 -1.44
N VAL A 58 24.39 -9.86 -1.64
CA VAL A 58 25.76 -10.17 -2.02
C VAL A 58 25.78 -10.91 -3.35
N LYS A 59 26.45 -10.32 -4.33
CA LYS A 59 26.58 -10.96 -5.64
C LYS A 59 27.94 -11.62 -5.78
N MET A 60 27.94 -12.83 -6.33
CA MET A 60 29.17 -13.60 -6.52
C MET A 60 29.10 -14.42 -7.80
N LEU A 61 30.23 -15.01 -8.18
CA LEU A 61 30.30 -15.85 -9.37
C LEU A 61 29.83 -17.27 -9.05
N LYS A 62 29.32 -17.96 -10.06
CA LYS A 62 28.84 -19.34 -9.92
C LYS A 62 29.99 -20.34 -10.05
N SER A 63 29.66 -21.63 -10.00
CA SER A 63 30.65 -22.69 -10.05
C SER A 63 31.34 -22.75 -11.42
N ASP A 64 30.59 -22.45 -12.47
CA ASP A 64 31.09 -22.53 -13.84
C ASP A 64 31.44 -21.17 -14.43
N ALA A 65 31.90 -20.24 -13.59
CA ALA A 65 32.26 -18.92 -14.08
C ALA A 65 33.65 -18.90 -14.72
N THR A 66 33.77 -18.17 -15.83
CA THR A 66 35.04 -18.09 -16.55
C THR A 66 35.82 -16.83 -16.16
N GLU A 67 36.88 -16.53 -16.90
CA GLU A 67 37.65 -15.32 -16.67
C GLU A 67 36.89 -14.08 -17.13
N LYS A 68 36.05 -14.25 -18.16
CA LYS A 68 35.24 -13.16 -18.68
C LYS A 68 34.18 -12.71 -17.68
N ASP A 69 33.60 -13.69 -16.97
CA ASP A 69 32.56 -13.43 -15.99
C ASP A 69 33.11 -12.62 -14.83
N LEU A 70 34.32 -12.99 -14.39
CA LEU A 70 35.00 -12.25 -13.34
C LEU A 70 35.25 -10.82 -13.80
N SER A 71 35.70 -10.67 -15.04
CA SER A 71 35.96 -9.36 -15.61
C SER A 71 34.70 -8.50 -15.65
N ASP A 72 33.56 -9.13 -15.92
CA ASP A 72 32.29 -8.43 -15.96
C ASP A 72 31.84 -8.01 -14.56
N LEU A 73 32.01 -8.90 -13.59
CA LEU A 73 31.60 -8.61 -12.21
C LEU A 73 32.40 -7.46 -11.63
N ILE A 74 33.71 -7.47 -11.88
CA ILE A 74 34.56 -6.36 -11.50
C ILE A 74 34.12 -5.09 -12.21
N SER A 75 33.95 -5.19 -13.52
CA SER A 75 33.52 -4.06 -14.35
C SER A 75 32.23 -3.42 -13.84
N GLU A 76 31.26 -4.27 -13.49
CA GLU A 76 29.99 -3.80 -12.94
C GLU A 76 30.20 -3.07 -11.61
N MET A 77 31.10 -3.60 -10.79
CA MET A 77 31.39 -3.00 -9.49
C MET A 77 32.06 -1.64 -9.61
N GLU A 78 33.07 -1.55 -10.45
CA GLU A 78 33.81 -0.30 -10.64
C GLU A 78 32.91 0.74 -11.30
N MET A 79 32.04 0.27 -12.18
CA MET A 79 31.06 1.14 -12.83
C MET A 79 30.13 1.78 -11.81
N MET A 80 29.66 0.98 -10.86
CA MET A 80 28.76 1.48 -9.83
C MET A 80 29.48 2.48 -8.93
N LYS A 81 30.77 2.25 -8.68
CA LYS A 81 31.59 3.21 -7.95
C LYS A 81 31.58 4.56 -8.63
N MET A 82 31.82 4.56 -9.93
CA MET A 82 31.93 5.79 -10.70
C MET A 82 30.60 6.53 -10.78
N ILE A 83 29.53 5.80 -11.03
CA ILE A 83 28.20 6.39 -11.16
C ILE A 83 27.75 7.05 -9.86
N GLY A 84 28.14 6.45 -8.73
CA GLY A 84 27.84 7.04 -7.44
C GLY A 84 26.48 6.64 -6.93
N LYS A 85 26.06 7.26 -5.82
CA LYS A 85 24.85 6.86 -5.13
C LYS A 85 23.61 7.68 -5.48
N HIS A 86 22.45 7.03 -5.41
CA HIS A 86 21.16 7.70 -5.54
C HIS A 86 20.09 6.87 -4.85
N LYS A 87 19.06 7.53 -4.33
CA LYS A 87 18.02 6.84 -3.59
C LYS A 87 17.29 5.80 -4.43
N ASN A 88 17.15 6.09 -5.72
CA ASN A 88 16.33 5.25 -6.59
C ASN A 88 17.12 4.31 -7.50
N ILE A 89 18.31 3.92 -7.05
CA ILE A 89 19.06 2.86 -7.71
C ILE A 89 19.60 1.89 -6.67
N ILE A 90 19.86 0.64 -7.07
CA ILE A 90 20.53 -0.30 -6.18
C ILE A 90 21.99 0.12 -6.01
N ASN A 91 22.33 0.59 -4.82
CA ASN A 91 23.66 1.15 -4.57
C ASN A 91 24.70 0.13 -4.13
N LEU A 92 25.96 0.45 -4.39
CA LEU A 92 27.08 -0.35 -3.93
C LEU A 92 27.36 -0.01 -2.47
N LEU A 93 27.52 -1.04 -1.63
CA LEU A 93 27.75 -0.83 -0.21
C LEU A 93 29.14 -1.30 0.23
N GLY A 94 29.69 -2.27 -0.49
CA GLY A 94 30.99 -2.80 -0.16
C GLY A 94 31.40 -3.95 -1.06
N ALA A 95 32.55 -4.54 -0.75
CA ALA A 95 33.07 -5.65 -1.56
C ALA A 95 34.03 -6.51 -0.74
N CYS A 96 34.14 -7.77 -1.14
CA CYS A 96 35.15 -8.67 -0.57
C CYS A 96 36.05 -9.17 -1.68
N THR A 97 37.29 -8.68 -1.70
CA THR A 97 38.22 -8.99 -2.78
C THR A 97 39.39 -9.85 -2.31
N GLN A 98 39.46 -10.10 -1.02
CA GLN A 98 40.57 -10.85 -0.46
C GLN A 98 40.12 -12.09 0.30
N ASP A 99 41.00 -13.08 0.37
CA ASP A 99 40.78 -14.32 1.12
C ASP A 99 39.53 -15.07 0.67
N GLY A 100 39.33 -15.18 -0.63
CA GLY A 100 38.22 -15.93 -1.18
C GLY A 100 37.75 -15.39 -2.53
N PRO A 101 36.60 -15.86 -3.00
CA PRO A 101 36.00 -15.39 -4.25
C PRO A 101 35.47 -13.97 -4.13
N LEU A 102 35.41 -13.25 -5.24
CA LEU A 102 34.91 -11.87 -5.24
C LEU A 102 33.46 -11.78 -4.77
N TYR A 103 33.22 -10.94 -3.78
CA TYR A 103 31.86 -10.63 -3.33
C TYR A 103 31.56 -9.16 -3.57
N VAL A 104 30.46 -8.88 -4.25
CA VAL A 104 30.02 -7.49 -4.43
C VAL A 104 28.78 -7.24 -3.59
N ILE A 105 28.91 -6.34 -2.61
CA ILE A 105 27.83 -6.07 -1.66
C ILE A 105 27.01 -4.87 -2.07
N VAL A 106 25.70 -5.08 -2.22
CA VAL A 106 24.79 -4.02 -2.64
C VAL A 106 23.54 -3.95 -1.76
N GLU A 107 22.73 -2.93 -1.98
CA GLU A 107 21.50 -2.74 -1.22
C GLU A 107 20.50 -3.88 -1.45
N TYR A 108 19.76 -4.21 -0.40
CA TYR A 108 18.79 -5.30 -0.45
C TYR A 108 17.36 -4.78 -0.53
N ALA A 109 16.59 -5.32 -1.48
CA ALA A 109 15.18 -4.96 -1.64
C ALA A 109 14.31 -6.16 -1.32
N SER A 110 13.59 -6.08 -0.20
CA SER A 110 12.93 -7.25 0.39
C SER A 110 11.56 -7.56 -0.23
N LYS A 111 11.05 -6.67 -1.06
CA LYS A 111 9.72 -6.86 -1.63
C LYS A 111 9.76 -7.24 -3.11
N GLY A 112 10.91 -7.72 -3.56
CA GLY A 112 11.05 -8.28 -4.89
C GLY A 112 11.04 -7.25 -6.00
N ASN A 113 11.10 -7.72 -7.24
CA ASN A 113 11.09 -6.82 -8.40
C ASN A 113 9.72 -6.20 -8.60
N LEU A 114 9.66 -5.15 -9.41
CA LEU A 114 8.43 -4.38 -9.57
C LEU A 114 7.27 -5.18 -10.16
N ARG A 115 7.56 -6.10 -11.06
CA ARG A 115 6.51 -6.94 -11.65
C ARG A 115 5.84 -7.82 -10.59
N GLU A 116 6.65 -8.52 -9.81
CA GLU A 116 6.15 -9.39 -8.76
C GLU A 116 5.47 -8.59 -7.64
N TYR A 117 6.03 -7.42 -7.35
CA TYR A 117 5.48 -6.52 -6.33
C TYR A 117 4.07 -6.07 -6.71
N LEU A 118 3.88 -5.75 -7.99
CA LEU A 118 2.60 -5.26 -8.46
C LEU A 118 1.58 -6.38 -8.63
N GLN A 119 2.04 -7.53 -9.11
CA GLN A 119 1.16 -8.68 -9.33
C GLN A 119 0.57 -9.20 -8.02
N ALA A 120 1.35 -9.13 -6.96
CA ALA A 120 0.90 -9.60 -5.65
C ALA A 120 -0.16 -8.67 -5.08
N ARG A 121 -0.20 -7.44 -5.57
CA ARG A 121 -1.13 -6.44 -5.08
C ARG A 121 -2.24 -6.14 -6.09
N ARG A 122 -2.49 -7.09 -6.98
CA ARG A 122 -3.59 -7.00 -7.92
C ARG A 122 -4.93 -7.22 -7.24
N PRO A 123 -5.85 -6.26 -7.40
CA PRO A 123 -7.22 -6.42 -6.90
C PRO A 123 -7.93 -7.50 -7.69
N PRO A 124 -8.82 -8.26 -7.02
CA PRO A 124 -9.63 -9.26 -7.73
C PRO A 124 -10.74 -8.60 -8.54
N GLY A 125 -10.37 -7.79 -9.53
CA GLY A 125 -11.34 -7.01 -10.27
C GLY A 125 -11.37 -7.27 -11.77
N LEU A 126 -12.11 -6.42 -12.49
CA LEU A 126 -12.32 -6.60 -13.92
C LEU A 126 -11.16 -6.04 -14.74
N GLU A 127 -10.52 -5.00 -14.23
CA GLU A 127 -9.55 -4.23 -15.01
C GLU A 127 -8.13 -4.79 -14.95
N TYR A 128 -7.94 -5.92 -14.28
CA TYR A 128 -6.63 -6.55 -14.18
C TYR A 128 -6.71 -8.06 -14.30
N SER A 129 -5.61 -8.68 -14.73
CA SER A 129 -5.50 -10.13 -14.73
C SER A 129 -5.50 -10.64 -13.28
N TYR A 130 -5.50 -11.96 -13.11
CA TYR A 130 -5.65 -12.54 -11.78
C TYR A 130 -4.38 -12.38 -10.93
N ASN A 131 -4.58 -12.23 -9.63
CA ASN A 131 -3.49 -12.15 -8.67
C ASN A 131 -2.87 -13.53 -8.44
N PRO A 132 -1.64 -13.73 -8.89
CA PRO A 132 -0.99 -15.05 -8.83
C PRO A 132 -0.45 -15.39 -7.44
N SER A 133 -0.38 -14.39 -6.56
CA SER A 133 0.17 -14.59 -5.23
C SER A 133 -0.79 -15.35 -4.31
N HIS A 134 -0.30 -16.41 -3.69
CA HIS A 134 -1.11 -17.18 -2.75
C HIS A 134 -1.24 -16.42 -1.44
N ASN A 135 -0.32 -15.48 -1.23
CA ASN A 135 -0.42 -14.55 -0.11
C ASN A 135 -0.38 -13.11 -0.61
N PRO A 136 -1.53 -12.60 -1.06
CA PRO A 136 -1.62 -11.26 -1.65
C PRO A 136 -1.40 -10.15 -0.62
N GLU A 137 -1.07 -8.96 -1.11
CA GLU A 137 -0.85 -7.81 -0.24
C GLU A 137 -1.89 -6.73 -0.51
N GLU A 138 -1.85 -5.65 0.27
CA GLU A 138 -2.81 -4.56 0.14
C GLU A 138 -2.71 -3.85 -1.20
N GLN A 139 -3.87 -3.64 -1.82
CA GLN A 139 -3.98 -2.93 -3.10
C GLN A 139 -3.33 -1.55 -3.03
N LEU A 140 -2.64 -1.18 -4.10
CA LEU A 140 -1.99 0.13 -4.18
C LEU A 140 -2.97 1.20 -4.69
N SER A 141 -2.85 2.41 -4.14
CA SER A 141 -3.71 3.51 -4.58
C SER A 141 -3.23 4.03 -5.93
N SER A 142 -3.99 4.96 -6.50
CA SER A 142 -3.63 5.54 -7.79
C SER A 142 -2.37 6.38 -7.67
N LYS A 143 -2.24 7.13 -6.58
CA LYS A 143 -1.07 7.95 -6.35
C LYS A 143 0.17 7.07 -6.20
N ASP A 144 0.03 5.96 -5.51
CA ASP A 144 1.14 5.01 -5.33
C ASP A 144 1.69 4.52 -6.68
N LEU A 145 0.80 4.28 -7.64
CA LEU A 145 1.23 3.81 -8.95
C LEU A 145 2.01 4.88 -9.71
N VAL A 146 1.51 6.11 -9.69
CA VAL A 146 2.21 7.22 -10.34
C VAL A 146 3.52 7.47 -9.62
N SER A 147 3.51 7.26 -8.30
CA SER A 147 4.70 7.45 -7.47
C SER A 147 5.81 6.46 -7.85
N CYS A 148 5.45 5.23 -8.18
CA CYS A 148 6.41 4.24 -8.65
C CYS A 148 7.09 4.71 -9.92
N ALA A 149 6.29 5.25 -10.84
CA ALA A 149 6.77 5.74 -12.12
C ALA A 149 7.72 6.91 -11.95
N TYR A 150 7.35 7.84 -11.06
CA TYR A 150 8.17 9.00 -10.74
C TYR A 150 9.54 8.57 -10.20
N GLN A 151 9.52 7.69 -9.20
CA GLN A 151 10.76 7.23 -8.56
C GLN A 151 11.71 6.60 -9.57
N VAL A 152 11.18 5.71 -10.41
CA VAL A 152 11.97 5.07 -11.45
C VAL A 152 12.54 6.12 -12.42
N ALA A 153 11.69 7.04 -12.84
CA ALA A 153 12.09 8.12 -13.73
C ALA A 153 13.19 8.97 -13.11
N ARG A 154 13.09 9.18 -11.80
CA ARG A 154 14.10 9.97 -11.08
C ARG A 154 15.44 9.26 -11.07
N GLY A 155 15.41 7.95 -10.83
CA GLY A 155 16.61 7.15 -10.85
C GLY A 155 17.26 7.15 -12.22
N MET A 156 16.43 7.04 -13.27
CA MET A 156 16.94 7.09 -14.63
C MET A 156 17.49 8.48 -14.95
N GLU A 157 16.80 9.51 -14.48
CA GLU A 157 17.27 10.89 -14.64
C GLU A 157 18.68 11.03 -14.07
N TYR A 158 18.90 10.44 -12.90
CA TYR A 158 20.22 10.46 -12.30
C TYR A 158 21.22 9.70 -13.15
N LEU A 159 20.89 8.45 -13.49
CA LEU A 159 21.78 7.62 -14.28
C LEU A 159 22.15 8.30 -15.60
N ALA A 160 21.16 8.97 -16.19
CA ALA A 160 21.37 9.73 -17.42
C ALA A 160 22.42 10.82 -17.22
N SER A 161 22.33 11.52 -16.10
CA SER A 161 23.28 12.59 -15.79
C SER A 161 24.69 12.05 -15.60
N LYS A 162 24.80 10.76 -15.28
CA LYS A 162 26.11 10.14 -15.10
C LYS A 162 26.56 9.43 -16.37
N LYS A 163 25.93 9.79 -17.50
CA LYS A 163 26.25 9.24 -18.81
C LYS A 163 26.03 7.72 -18.85
N CYS A 164 25.10 7.23 -18.03
CA CYS A 164 24.80 5.81 -17.99
C CYS A 164 23.59 5.47 -18.86
N ILE A 165 23.76 4.49 -19.75
CA ILE A 165 22.65 3.98 -20.55
C ILE A 165 22.35 2.55 -20.11
N HIS A 166 21.16 2.35 -19.56
CA HIS A 166 20.77 1.06 -18.98
C HIS A 166 20.68 -0.06 -20.02
N ARG A 167 20.04 0.24 -21.15
CA ARG A 167 19.87 -0.67 -22.28
C ARG A 167 18.90 -1.84 -22.03
N ASP A 168 18.32 -1.92 -20.85
CA ASP A 168 17.32 -2.96 -20.58
C ASP A 168 16.37 -2.56 -19.44
N LEU A 169 15.92 -1.32 -19.46
CA LEU A 169 15.01 -0.83 -18.43
C LEU A 169 13.68 -1.55 -18.52
N ALA A 170 13.31 -2.24 -17.44
CA ALA A 170 12.08 -3.01 -17.38
C ALA A 170 11.62 -3.16 -15.93
N ALA A 171 10.41 -3.64 -15.73
CA ALA A 171 9.87 -3.83 -14.38
C ALA A 171 10.69 -4.85 -13.58
N ARG A 172 11.10 -5.93 -14.25
CA ARG A 172 11.91 -6.95 -13.59
C ARG A 172 13.31 -6.42 -13.24
N ASN A 173 13.68 -5.28 -13.82
CA ASN A 173 14.93 -4.63 -13.49
C ASN A 173 14.71 -3.42 -12.58
N VAL A 174 13.63 -3.45 -11.81
CA VAL A 174 13.41 -2.48 -10.75
C VAL A 174 13.06 -3.24 -9.48
N LEU A 175 13.77 -2.95 -8.39
CA LEU A 175 13.55 -3.65 -7.13
C LEU A 175 12.89 -2.73 -6.08
N VAL A 176 12.11 -3.33 -5.18
CA VAL A 176 11.35 -2.58 -4.19
C VAL A 176 11.79 -2.91 -2.76
N THR A 177 12.20 -1.88 -2.01
CA THR A 177 12.69 -2.09 -0.65
C THR A 177 11.55 -2.24 0.35
N GLU A 178 11.92 -2.53 1.59
CA GLU A 178 10.96 -2.69 2.69
C GLU A 178 10.15 -1.42 2.92
N ASP A 179 10.72 -0.27 2.54
CA ASP A 179 10.05 1.01 2.69
C ASP A 179 9.38 1.45 1.39
N ASN A 180 9.19 0.50 0.48
CA ASN A 180 8.53 0.72 -0.80
C ASN A 180 9.25 1.74 -1.69
N VAL A 181 10.57 1.78 -1.58
CA VAL A 181 11.39 2.62 -2.45
C VAL A 181 11.76 1.86 -3.72
N MET A 182 11.51 2.48 -4.88
CA MET A 182 11.89 1.86 -6.15
C MET A 182 13.39 2.04 -6.42
N LYS A 183 14.07 0.94 -6.68
CA LYS A 183 15.51 0.99 -6.97
C LYS A 183 15.85 0.24 -8.26
N ILE A 184 16.48 0.95 -9.19
CA ILE A 184 16.86 0.41 -10.49
C ILE A 184 18.04 -0.56 -10.39
N ALA A 185 17.90 -1.72 -11.02
CA ALA A 185 18.93 -2.76 -10.97
C ALA A 185 19.63 -2.94 -12.31
N ASP A 186 20.83 -3.51 -12.26
CA ASP A 186 21.60 -3.89 -13.44
C ASP A 186 21.83 -2.73 -14.42
N PHE A 187 22.15 -1.55 -13.91
CA PHE A 187 22.37 -0.40 -14.76
C PHE A 187 23.82 -0.29 -15.22
N GLY A 188 24.70 -1.07 -14.60
CA GLY A 188 26.11 -1.03 -14.94
C GLY A 188 26.64 -2.30 -15.56
N LEU A 189 25.76 -3.06 -16.22
CA LEU A 189 26.17 -4.30 -16.85
C LEU A 189 27.06 -4.03 -18.06
N ALA A 190 28.06 -4.89 -18.26
CA ALA A 190 28.93 -4.78 -19.42
C ALA A 190 28.17 -5.18 -20.68
N ARG A 191 28.24 -4.33 -21.71
CA ARG A 191 27.57 -4.64 -22.95
C ARG A 191 28.26 -5.77 -23.69
N ASP A 192 27.48 -6.74 -24.14
CA ASP A 192 28.00 -7.86 -24.90
C ASP A 192 28.62 -7.38 -26.20
N ILE A 193 29.80 -7.91 -26.52
CA ILE A 193 30.54 -7.47 -27.70
C ILE A 193 30.13 -8.27 -28.93
N HIS A 194 29.38 -9.35 -28.70
CA HIS A 194 28.83 -10.15 -29.78
C HIS A 194 27.40 -9.72 -30.11
N HIS A 195 26.96 -10.02 -31.33
CA HIS A 195 25.58 -9.73 -31.72
C HIS A 195 24.62 -10.51 -30.82
N ILE A 196 23.41 -9.98 -30.66
CA ILE A 196 22.47 -10.50 -29.66
C ILE A 196 21.38 -11.38 -30.26
N ASP A 197 21.09 -12.49 -29.60
CA ASP A 197 19.96 -13.34 -29.95
C ASP A 197 18.65 -12.61 -29.64
N TYR A 198 17.85 -12.37 -30.66
CA TYR A 198 16.59 -11.67 -30.50
C TYR A 198 15.52 -12.53 -29.82
N TYR A 199 15.77 -13.83 -29.74
CA TYR A 199 14.71 -14.75 -29.32
C TYR A 199 15.01 -15.49 -28.01
N LYS A 200 16.25 -15.47 -27.56
CA LYS A 200 16.59 -16.19 -26.34
C LYS A 200 15.99 -15.49 -25.12
N LYS A 201 15.41 -16.29 -24.22
CA LYS A 201 14.80 -15.75 -23.02
C LYS A 201 15.82 -15.61 -21.89
N THR A 202 15.53 -14.75 -20.93
CA THR A 202 16.35 -14.63 -19.73
C THR A 202 16.12 -15.85 -18.85
N THR A 203 16.89 -15.96 -17.77
CA THR A 203 16.77 -17.10 -16.86
C THR A 203 15.39 -17.14 -16.20
N ASN A 204 14.67 -16.03 -16.24
CA ASN A 204 13.33 -15.94 -15.67
C ASN A 204 12.24 -15.97 -16.75
N GLY A 205 12.64 -16.33 -17.96
CA GLY A 205 11.69 -16.52 -19.05
C GLY A 205 11.19 -15.23 -19.68
N ARG A 206 11.98 -14.16 -19.57
CA ARG A 206 11.59 -12.89 -20.15
C ARG A 206 12.24 -12.66 -21.51
N LEU A 207 11.50 -12.06 -22.43
CA LEU A 207 12.04 -11.66 -23.74
C LEU A 207 12.38 -10.18 -23.73
N PRO A 208 13.67 -9.85 -23.54
CA PRO A 208 14.11 -8.46 -23.43
C PRO A 208 13.92 -7.67 -24.73
N VAL A 209 13.63 -8.39 -25.81
CA VAL A 209 13.36 -7.75 -27.11
C VAL A 209 12.15 -6.80 -27.03
N LYS A 210 11.22 -7.11 -26.13
CA LYS A 210 9.96 -6.37 -26.03
C LYS A 210 10.12 -5.00 -25.36
N TRP A 211 11.33 -4.69 -24.91
CA TRP A 211 11.58 -3.41 -24.26
C TRP A 211 12.48 -2.50 -25.11
N MET A 212 13.04 -3.07 -26.16
CA MET A 212 13.98 -2.35 -27.02
C MET A 212 13.26 -1.33 -27.90
N ALA A 213 13.84 -0.14 -28.02
CA ALA A 213 13.40 0.83 -29.01
C ALA A 213 13.62 0.25 -30.40
N PRO A 214 12.87 0.74 -31.40
CA PRO A 214 13.03 0.28 -32.78
C PRO A 214 14.47 0.41 -33.30
N GLU A 215 15.14 1.51 -32.97
CA GLU A 215 16.51 1.73 -33.46
C GLU A 215 17.49 0.78 -32.79
N ALA A 216 17.20 0.40 -31.54
CA ALA A 216 18.03 -0.57 -30.83
C ALA A 216 17.73 -1.97 -31.34
N LEU A 217 16.50 -2.16 -31.80
CA LEU A 217 16.05 -3.47 -32.25
C LEU A 217 16.53 -3.77 -33.66
N PHE A 218 16.57 -2.75 -34.51
CA PHE A 218 16.92 -2.94 -35.91
C PHE A 218 18.38 -2.60 -36.21
N ASP A 219 18.95 -1.65 -35.48
CA ASP A 219 20.32 -1.23 -35.74
C ASP A 219 21.24 -1.30 -34.52
N ARG A 220 20.73 -1.87 -33.43
CA ARG A 220 21.51 -2.06 -32.21
C ARG A 220 22.06 -0.75 -31.65
N ILE A 221 21.37 0.35 -31.93
CA ILE A 221 21.75 1.66 -31.44
C ILE A 221 21.13 1.94 -30.07
N TYR A 222 21.96 2.23 -29.08
CA TYR A 222 21.50 2.46 -27.71
C TYR A 222 21.85 3.85 -27.20
N THR A 223 20.82 4.64 -26.88
CA THR A 223 21.02 5.97 -26.30
C THR A 223 20.08 6.17 -25.12
N HIS A 224 20.12 7.35 -24.51
CA HIS A 224 19.18 7.68 -23.45
C HIS A 224 17.76 7.66 -24.00
N GLN A 225 17.62 8.10 -25.25
CA GLN A 225 16.32 8.11 -25.93
C GLN A 225 15.73 6.70 -26.02
N SER A 226 16.58 5.71 -26.23
CA SER A 226 16.12 4.33 -26.31
C SER A 226 15.72 3.81 -24.93
N ASP A 227 16.36 4.34 -23.88
CA ASP A 227 15.94 4.04 -22.51
C ASP A 227 14.57 4.65 -22.24
N VAL A 228 14.32 5.83 -22.79
CA VAL A 228 13.03 6.50 -22.64
C VAL A 228 11.92 5.66 -23.26
N TRP A 229 12.20 5.05 -24.40
CA TRP A 229 11.29 4.10 -25.02
C TRP A 229 10.97 2.98 -24.03
N SER A 230 12.01 2.40 -23.44
CA SER A 230 11.85 1.33 -22.47
C SER A 230 11.01 1.78 -21.28
N PHE A 231 11.25 3.01 -20.81
CA PHE A 231 10.49 3.56 -19.70
C PHE A 231 8.99 3.62 -20.02
N GLY A 232 8.68 3.83 -21.30
CA GLY A 232 7.30 3.81 -21.74
C GLY A 232 6.68 2.43 -21.55
N VAL A 233 7.42 1.40 -21.91
CA VAL A 233 6.97 0.02 -21.72
C VAL A 233 6.81 -0.28 -20.24
N LEU A 234 7.72 0.25 -19.42
CA LEU A 234 7.64 0.09 -17.98
C LEU A 234 6.38 0.75 -17.43
N LEU A 235 6.09 1.96 -17.94
CA LEU A 235 4.88 2.66 -17.58
C LEU A 235 3.64 1.80 -17.84
N TRP A 236 3.65 1.12 -18.98
CA TRP A 236 2.57 0.20 -19.32
C TRP A 236 2.52 -0.98 -18.33
N GLU A 237 3.69 -1.46 -17.93
CA GLU A 237 3.77 -2.56 -16.97
C GLU A 237 3.16 -2.16 -15.63
N ILE A 238 3.43 -0.95 -15.19
CA ILE A 238 2.94 -0.46 -13.90
C ILE A 238 1.42 -0.42 -13.85
N PHE A 239 0.81 0.15 -14.89
CA PHE A 239 -0.62 0.38 -14.88
C PHE A 239 -1.39 -0.84 -15.39
N THR A 240 -0.67 -1.91 -15.69
CA THR A 240 -1.29 -3.22 -15.89
C THR A 240 -0.97 -4.09 -14.67
N LEU A 241 -0.31 -3.48 -13.69
CA LEU A 241 0.13 -4.16 -12.48
C LEU A 241 0.94 -5.41 -12.77
N GLY A 242 1.99 -5.24 -13.58
CA GLY A 242 2.90 -6.33 -13.89
C GLY A 242 2.52 -7.15 -15.11
N GLY A 243 1.82 -6.52 -16.05
CA GLY A 243 1.40 -7.20 -17.26
C GLY A 243 2.53 -7.50 -18.20
N SER A 244 2.30 -8.40 -19.16
CA SER A 244 3.30 -8.73 -20.18
C SER A 244 3.09 -7.91 -21.44
N PRO A 245 4.12 -7.18 -21.86
CA PRO A 245 4.10 -6.32 -23.06
C PRO A 245 3.67 -7.06 -24.33
N TYR A 246 2.87 -6.39 -25.15
CA TYR A 246 2.40 -6.94 -26.42
C TYR A 246 1.81 -8.34 -26.28
N PRO A 247 0.70 -8.47 -25.55
CA PRO A 247 0.11 -9.79 -25.34
C PRO A 247 -0.35 -10.43 -26.65
N GLY A 248 0.07 -11.67 -26.89
CA GLY A 248 -0.35 -12.41 -28.06
C GLY A 248 0.50 -12.12 -29.30
N VAL A 249 1.50 -11.27 -29.15
CA VAL A 249 2.35 -10.89 -30.27
C VAL A 249 3.70 -11.59 -30.20
N PRO A 250 4.00 -12.45 -31.18
CA PRO A 250 5.30 -13.14 -31.25
C PRO A 250 6.42 -12.18 -31.67
N VAL A 251 7.66 -12.55 -31.38
CA VAL A 251 8.81 -11.67 -31.61
C VAL A 251 9.03 -11.35 -33.08
N GLU A 252 8.89 -12.35 -33.95
CA GLU A 252 9.09 -12.16 -35.38
C GLU A 252 8.14 -11.13 -35.95
N GLU A 253 6.93 -11.08 -35.40
CA GLU A 253 5.90 -10.15 -35.88
C GLU A 253 6.05 -8.78 -35.24
N LEU A 254 6.84 -8.71 -34.17
CA LEU A 254 7.05 -7.46 -33.45
C LEU A 254 7.92 -6.49 -34.25
N PHE A 255 8.77 -7.05 -35.11
CA PHE A 255 9.61 -6.24 -35.98
C PHE A 255 8.76 -5.41 -36.94
N LYS A 256 7.87 -6.08 -37.66
CA LYS A 256 7.02 -5.44 -38.65
C LYS A 256 6.03 -4.48 -37.99
N LEU A 257 5.41 -4.94 -36.90
CA LEU A 257 4.38 -4.17 -36.20
C LEU A 257 4.91 -2.81 -35.73
N LEU A 258 6.07 -2.82 -35.07
CA LEU A 258 6.68 -1.58 -34.58
C LEU A 258 6.98 -0.61 -35.71
N LYS A 259 7.50 -1.12 -36.82
CA LYS A 259 7.85 -0.29 -37.97
C LYS A 259 6.61 0.37 -38.58
N GLU A 260 5.47 -0.32 -38.50
CA GLU A 260 4.22 0.17 -39.08
C GLU A 260 3.53 1.19 -38.19
N GLY A 261 4.11 1.46 -37.02
CA GLY A 261 3.56 2.44 -36.11
C GLY A 261 2.63 1.87 -35.06
N HIS A 262 2.56 0.54 -35.00
CA HIS A 262 1.72 -0.13 -34.01
C HIS A 262 2.26 0.05 -32.59
N ARG A 263 1.39 0.46 -31.67
CA ARG A 263 1.75 0.55 -30.26
C ARG A 263 0.73 -0.18 -29.41
N MET A 264 1.09 -0.47 -28.17
CA MET A 264 0.16 -1.13 -27.25
C MET A 264 -1.01 -0.24 -26.92
N ASP A 265 -2.18 -0.85 -26.68
CA ASP A 265 -3.37 -0.12 -26.29
C ASP A 265 -3.25 0.37 -24.85
N LYS A 266 -4.02 1.40 -24.52
CA LYS A 266 -4.06 1.90 -23.15
C LYS A 266 -4.63 0.84 -22.24
N PRO A 267 -3.96 0.59 -21.10
CA PRO A 267 -4.52 -0.31 -20.08
C PRO A 267 -5.86 0.21 -19.58
N SER A 268 -6.75 -0.69 -19.20
CA SER A 268 -8.10 -0.33 -18.75
C SER A 268 -8.08 0.75 -17.66
N ASN A 269 -7.26 0.55 -16.63
CA ASN A 269 -7.10 1.53 -15.57
C ASN A 269 -5.87 2.40 -15.82
N CYS A 270 -6.04 3.46 -16.59
CA CYS A 270 -4.97 4.39 -16.92
C CYS A 270 -5.53 5.68 -17.50
N THR A 271 -5.09 6.82 -16.98
CA THR A 271 -5.59 8.10 -17.45
C THR A 271 -5.07 8.42 -18.84
N ASN A 272 -5.79 9.27 -19.57
CA ASN A 272 -5.36 9.69 -20.89
C ASN A 272 -3.99 10.37 -20.86
N GLU A 273 -3.76 11.16 -19.83
CA GLU A 273 -2.51 11.91 -19.70
C GLU A 273 -1.31 10.98 -19.53
N LEU A 274 -1.52 9.88 -18.80
CA LEU A 274 -0.48 8.89 -18.59
C LEU A 274 -0.26 8.03 -19.83
N TYR A 275 -1.30 7.84 -20.63
CA TYR A 275 -1.18 7.08 -21.86
C TYR A 275 -0.45 7.90 -22.93
N MET A 276 -0.76 9.18 -23.00
CA MET A 276 -0.05 10.08 -23.90
C MET A 276 1.44 10.10 -23.58
N MET A 277 1.77 9.99 -22.30
CA MET A 277 3.17 9.92 -21.87
C MET A 277 3.84 8.65 -22.39
N MET A 278 3.13 7.53 -22.33
CA MET A 278 3.60 6.28 -22.94
C MET A 278 3.86 6.48 -24.43
N ARG A 279 2.89 7.08 -25.10
CA ARG A 279 2.95 7.29 -26.55
C ARG A 279 4.09 8.22 -26.93
N ASP A 280 4.30 9.26 -26.13
CA ASP A 280 5.40 10.19 -26.36
C ASP A 280 6.73 9.47 -26.17
N CYS A 281 6.82 8.61 -25.17
CA CYS A 281 8.00 7.79 -24.97
C CYS A 281 8.18 6.81 -26.13
N TRP A 282 7.07 6.41 -26.73
CA TRP A 282 7.09 5.46 -27.85
C TRP A 282 7.12 6.15 -29.20
N HIS A 283 7.63 7.38 -29.23
CA HIS A 283 7.74 8.10 -30.49
C HIS A 283 8.76 7.41 -31.39
N ALA A 284 8.44 7.30 -32.67
CA ALA A 284 9.31 6.63 -33.64
C ALA A 284 10.67 7.29 -33.73
N VAL A 285 10.67 8.62 -33.75
CA VAL A 285 11.91 9.38 -33.84
C VAL A 285 12.48 9.62 -32.44
N PRO A 286 13.69 9.10 -32.18
CA PRO A 286 14.34 9.20 -30.87
C PRO A 286 14.45 10.62 -30.33
N SER A 287 14.73 11.58 -31.20
CA SER A 287 14.90 12.97 -30.80
C SER A 287 13.59 13.62 -30.34
N GLN A 288 12.47 13.01 -30.70
CA GLN A 288 11.16 13.58 -30.38
C GLN A 288 10.58 13.01 -29.08
N ARG A 289 11.19 11.96 -28.55
CA ARG A 289 10.80 11.43 -27.25
C ARG A 289 11.21 12.42 -26.16
N PRO A 290 10.43 12.49 -25.07
CA PRO A 290 10.82 13.38 -23.98
C PRO A 290 12.08 12.88 -23.26
N THR A 291 12.77 13.78 -22.57
CA THR A 291 13.94 13.38 -21.78
C THR A 291 13.44 12.88 -20.43
N PHE A 292 14.32 12.24 -19.67
CA PHE A 292 13.95 11.80 -18.33
C PHE A 292 13.72 12.99 -17.41
N LYS A 293 14.45 14.07 -17.67
CA LYS A 293 14.27 15.31 -16.93
C LYS A 293 12.84 15.79 -17.05
N GLN A 294 12.34 15.83 -18.29
CA GLN A 294 10.97 16.24 -18.56
C GLN A 294 9.97 15.26 -17.94
N LEU A 295 10.29 13.97 -18.01
CA LEU A 295 9.43 12.94 -17.42
C LEU A 295 9.29 13.12 -15.92
N VAL A 296 10.41 13.40 -15.24
CA VAL A 296 10.39 13.59 -13.80
C VAL A 296 9.52 14.80 -13.43
N GLU A 297 9.65 15.88 -14.19
CA GLU A 297 8.88 17.10 -13.93
C GLU A 297 7.38 16.89 -14.09
N ASP A 298 6.98 16.16 -15.13
CA ASP A 298 5.57 15.88 -15.37
C ASP A 298 5.01 14.95 -14.29
N LEU A 299 5.67 13.81 -14.10
CA LEU A 299 5.26 12.83 -13.11
C LEU A 299 5.21 13.42 -11.70
N ASP A 300 6.07 14.40 -11.43
CA ASP A 300 6.04 15.10 -10.15
C ASP A 300 4.73 15.87 -10.01
N ARG A 301 4.33 16.54 -11.09
CA ARG A 301 3.09 17.30 -11.08
C ARG A 301 1.89 16.38 -10.99
N ILE A 302 1.96 15.25 -11.69
CA ILE A 302 0.84 14.31 -11.75
C ILE A 302 0.61 13.63 -10.40
N VAL A 303 1.70 13.30 -9.71
CA VAL A 303 1.61 12.67 -8.39
C VAL A 303 0.82 13.55 -7.43
N ALA A 304 1.16 14.84 -7.41
CA ALA A 304 0.48 15.80 -6.54
C ALA A 304 -1.02 15.88 -6.83
N LEU A 305 -1.39 15.73 -8.10
CA LEU A 305 -2.78 15.84 -8.51
C LEU A 305 -3.54 14.52 -8.46
N THR A 306 -2.83 13.43 -8.30
CA THR A 306 -3.45 12.10 -8.31
C THR A 306 -3.97 11.72 -6.93
N SER A 307 -5.19 11.19 -6.90
CA SER A 307 -5.84 10.81 -5.65
C SER A 307 -5.25 9.53 -5.04
N ASN A 308 -5.01 9.56 -3.73
CA ASN A 308 -4.63 8.36 -3.01
C ASN A 308 -5.83 7.75 -2.29
N GLN A 309 -7.02 8.03 -2.81
CA GLN A 309 -8.26 7.52 -2.22
C GLN A 309 -8.78 6.31 -2.98
N GLY B 1 3.29 -20.63 15.19
CA GLY B 1 3.28 -19.54 16.15
C GLY B 1 2.93 -18.20 15.53
N PRO B 2 1.63 -17.92 15.36
CA PRO B 2 1.15 -16.66 14.77
C PRO B 2 1.51 -15.42 15.60
N ALA B 3 1.62 -15.58 16.91
CA ALA B 3 1.94 -14.45 17.78
C ALA B 3 3.44 -14.34 18.05
N GLY B 4 4.21 -15.26 17.47
CA GLY B 4 5.65 -15.27 17.67
C GLY B 4 6.03 -15.36 19.14
N VAL B 5 6.93 -14.48 19.56
CA VAL B 5 7.42 -14.48 20.94
C VAL B 5 6.31 -14.13 21.92
N SER B 6 5.24 -13.51 21.44
CA SER B 6 4.13 -13.11 22.29
C SER B 6 3.32 -14.31 22.77
N GLU B 7 3.73 -15.50 22.35
CA GLU B 7 3.15 -16.73 22.85
C GLU B 7 3.49 -16.86 24.35
N TYR B 8 4.69 -16.43 24.71
CA TYR B 8 5.17 -16.54 26.09
C TYR B 8 5.46 -15.18 26.72
N GLU B 9 5.84 -14.21 25.89
CA GLU B 9 6.15 -12.87 26.39
C GLU B 9 5.98 -11.82 25.29
N LEU B 10 4.98 -10.95 25.46
CA LEU B 10 4.77 -9.87 24.53
C LEU B 10 5.92 -8.87 24.60
N PRO B 11 6.27 -8.25 23.45
CA PRO B 11 7.29 -7.20 23.48
C PRO B 11 6.84 -6.02 24.32
N GLU B 12 7.80 -5.27 24.84
CA GLU B 12 7.49 -4.16 25.73
C GLU B 12 7.34 -2.86 24.96
N ASP B 13 6.52 -1.96 25.47
CA ASP B 13 6.34 -0.63 24.89
C ASP B 13 5.93 0.33 26.00
N PRO B 14 6.92 0.87 26.73
CA PRO B 14 6.71 1.70 27.93
C PRO B 14 5.89 2.96 27.67
N ARG B 15 5.84 3.41 26.42
CA ARG B 15 5.05 4.58 26.08
C ARG B 15 3.57 4.37 26.39
N TRP B 16 3.09 3.15 26.15
CA TRP B 16 1.67 2.86 26.31
C TRP B 16 1.39 1.98 27.53
N GLU B 17 2.43 1.39 28.09
CA GLU B 17 2.25 0.43 29.19
C GLU B 17 1.68 1.08 30.44
N LEU B 18 0.65 0.44 31.00
CA LEU B 18 0.06 0.87 32.26
C LEU B 18 0.08 -0.27 33.27
N PRO B 19 0.59 -0.01 34.49
CA PRO B 19 0.58 -1.02 35.55
C PRO B 19 -0.85 -1.48 35.87
N ARG B 20 -1.00 -2.78 36.11
CA ARG B 20 -2.32 -3.37 36.31
C ARG B 20 -3.00 -2.91 37.61
N ASP B 21 -2.22 -2.39 38.56
CA ASP B 21 -2.80 -1.94 39.82
C ASP B 21 -3.51 -0.59 39.66
N ARG B 22 -3.15 0.13 38.60
CA ARG B 22 -3.79 1.41 38.30
C ARG B 22 -4.98 1.23 37.37
N LEU B 23 -5.44 -0.01 37.25
CA LEU B 23 -6.60 -0.34 36.43
C LEU B 23 -7.54 -1.26 37.20
N VAL B 24 -8.82 -0.88 37.27
CA VAL B 24 -9.81 -1.67 37.98
C VAL B 24 -10.94 -2.07 37.05
N LEU B 25 -10.94 -3.33 36.64
CA LEU B 25 -11.93 -3.86 35.70
C LEU B 25 -13.33 -3.87 36.32
N GLY B 26 -14.34 -3.64 35.48
CA GLY B 26 -15.72 -3.61 35.94
C GLY B 26 -16.68 -4.38 35.04
N LYS B 27 -17.93 -3.94 35.02
CA LYS B 27 -19.00 -4.62 34.28
C LYS B 27 -18.71 -4.74 32.79
N PRO B 28 -19.15 -5.85 32.17
CA PRO B 28 -19.01 -6.10 30.73
C PRO B 28 -19.71 -5.04 29.88
N LEU B 29 -19.10 -4.70 28.74
CA LEU B 29 -19.71 -3.79 27.78
C LEU B 29 -20.20 -4.54 26.55
N GLY B 30 -19.98 -5.86 26.55
CA GLY B 30 -20.38 -6.69 25.41
C GLY B 30 -19.21 -7.23 24.63
N GLU B 31 -19.47 -7.78 23.44
CA GLU B 31 -18.43 -8.39 22.59
C GLU B 31 -17.66 -7.35 21.79
N GLY B 32 -16.42 -7.70 21.47
CA GLY B 32 -15.49 -6.92 20.62
C GLY B 32 -15.07 -7.77 19.45
N CYS B 33 -14.37 -7.20 18.47
CA CYS B 33 -13.99 -8.03 17.29
C CYS B 33 -13.14 -9.23 17.72
N PHE B 34 -12.06 -9.00 18.47
CA PHE B 34 -11.18 -10.15 18.82
C PHE B 34 -11.40 -10.66 20.24
N GLY B 35 -12.53 -10.37 20.88
CA GLY B 35 -12.70 -10.91 22.24
C GLY B 35 -13.83 -10.26 23.00
N GLN B 36 -13.59 -9.86 24.24
CA GLN B 36 -14.65 -9.21 25.02
C GLN B 36 -14.19 -7.84 25.50
N VAL B 37 -15.14 -6.96 25.73
CA VAL B 37 -14.83 -5.61 26.21
C VAL B 37 -15.53 -5.33 27.53
N VAL B 38 -14.76 -4.91 28.53
CA VAL B 38 -15.34 -4.58 29.83
C VAL B 38 -15.12 -3.11 30.20
N LEU B 39 -16.00 -2.59 31.05
CA LEU B 39 -15.84 -1.24 31.56
C LEU B 39 -14.79 -1.27 32.66
N ALA B 40 -14.08 -0.16 32.83
CA ALA B 40 -13.05 -0.10 33.85
C ALA B 40 -12.76 1.33 34.30
N GLU B 41 -12.02 1.44 35.40
CA GLU B 41 -11.51 2.73 35.85
C GLU B 41 -10.00 2.70 35.85
N ALA B 42 -9.39 3.70 35.22
CA ALA B 42 -7.94 3.78 35.12
C ALA B 42 -7.44 5.04 35.81
N ILE B 43 -6.32 4.90 36.51
CA ILE B 43 -5.72 6.02 37.24
C ILE B 43 -4.40 6.46 36.59
N GLY B 44 -4.36 7.70 36.11
CA GLY B 44 -3.13 8.27 35.59
C GLY B 44 -2.73 7.79 34.19
N LEU B 45 -3.70 7.77 33.28
CA LEU B 45 -3.42 7.41 31.90
C LEU B 45 -2.45 8.39 31.24
N ASP B 46 -2.63 9.67 31.54
CA ASP B 46 -1.77 10.71 30.98
C ASP B 46 -0.86 11.32 32.04
N LYS B 47 0.37 11.63 31.64
CA LYS B 47 1.39 12.10 32.58
C LYS B 47 1.04 13.44 33.22
N ASP B 48 0.33 14.30 32.49
CA ASP B 48 -0.01 15.63 33.00
C ASP B 48 -1.02 15.56 34.14
N LYS B 49 -1.81 14.48 34.17
CA LYS B 49 -2.78 14.26 35.23
C LYS B 49 -2.67 12.84 35.77
N PRO B 50 -1.59 12.55 36.52
CA PRO B 50 -1.30 11.19 36.98
C PRO B 50 -2.19 10.72 38.13
N ASN B 51 -2.88 11.64 38.80
CA ASN B 51 -3.76 11.28 39.90
C ASN B 51 -5.22 11.20 39.48
N ARG B 52 -5.48 11.53 38.21
CA ARG B 52 -6.84 11.56 37.71
C ARG B 52 -7.34 10.16 37.36
N VAL B 53 -8.56 9.85 37.79
CA VAL B 53 -9.19 8.58 37.46
C VAL B 53 -10.15 8.78 36.29
N THR B 54 -10.14 7.84 35.35
CA THR B 54 -10.96 7.98 34.14
C THR B 54 -11.72 6.69 33.86
N LYS B 55 -13.02 6.81 33.61
CA LYS B 55 -13.81 5.67 33.17
C LYS B 55 -13.44 5.35 31.73
N VAL B 56 -12.93 4.15 31.50
CA VAL B 56 -12.48 3.76 30.17
C VAL B 56 -13.05 2.42 29.72
N ALA B 57 -12.71 2.01 28.51
CA ALA B 57 -13.07 0.70 28.01
C ALA B 57 -11.83 -0.18 27.86
N VAL B 58 -11.94 -1.43 28.30
CA VAL B 58 -10.82 -2.36 28.21
C VAL B 58 -11.20 -3.57 27.38
N LYS B 59 -10.36 -3.90 26.41
CA LYS B 59 -10.60 -5.07 25.57
C LYS B 59 -9.56 -6.16 25.83
N MET B 60 -10.04 -7.40 25.88
CA MET B 60 -9.19 -8.55 26.19
C MET B 60 -9.67 -9.78 25.45
N LEU B 61 -8.83 -10.82 25.42
CA LEU B 61 -9.21 -12.08 24.79
C LEU B 61 -10.18 -12.85 25.68
N LYS B 62 -10.93 -13.76 25.08
CA LYS B 62 -11.75 -14.68 25.85
C LYS B 62 -10.90 -15.84 26.30
N SER B 63 -11.41 -16.67 27.21
CA SER B 63 -10.67 -17.80 27.73
C SER B 63 -10.49 -18.88 26.67
N ASP B 64 -11.35 -18.87 25.65
CA ASP B 64 -11.27 -19.85 24.58
C ASP B 64 -10.49 -19.32 23.38
N ALA B 65 -9.88 -18.16 23.54
CA ALA B 65 -9.12 -17.53 22.45
C ALA B 65 -7.88 -18.35 22.09
N THR B 66 -7.44 -18.20 20.85
CA THR B 66 -6.27 -18.93 20.37
C THR B 66 -5.09 -17.99 20.19
N GLU B 67 -3.95 -18.53 19.77
CA GLU B 67 -2.79 -17.69 19.50
C GLU B 67 -3.07 -16.78 18.30
N LYS B 68 -3.88 -17.27 17.37
CA LYS B 68 -4.29 -16.47 16.22
C LYS B 68 -5.11 -15.26 16.67
N ASP B 69 -6.03 -15.49 17.60
CA ASP B 69 -6.83 -14.41 18.16
C ASP B 69 -5.95 -13.38 18.86
N LEU B 70 -4.91 -13.85 19.54
CA LEU B 70 -3.98 -12.95 20.23
C LEU B 70 -3.24 -12.07 19.22
N SER B 71 -2.81 -12.67 18.12
CA SER B 71 -2.11 -11.95 17.06
C SER B 71 -2.96 -10.81 16.53
N ASP B 72 -4.25 -11.08 16.32
CA ASP B 72 -5.16 -10.08 15.81
C ASP B 72 -5.32 -8.93 16.81
N LEU B 73 -5.50 -9.28 18.09
CA LEU B 73 -5.68 -8.28 19.14
C LEU B 73 -4.45 -7.39 19.25
N ILE B 74 -3.28 -8.00 19.08
CA ILE B 74 -2.03 -7.24 19.07
C ILE B 74 -1.97 -6.36 17.83
N SER B 75 -2.29 -6.96 16.69
CA SER B 75 -2.25 -6.25 15.42
C SER B 75 -3.17 -5.03 15.40
N GLU B 76 -4.34 -5.16 16.03
CA GLU B 76 -5.27 -4.04 16.13
C GLU B 76 -4.69 -2.91 16.98
N MET B 77 -4.12 -3.27 18.12
CA MET B 77 -3.53 -2.31 19.03
C MET B 77 -2.40 -1.55 18.35
N GLU B 78 -1.56 -2.28 17.62
CA GLU B 78 -0.40 -1.70 16.94
C GLU B 78 -0.83 -0.73 15.86
N MET B 79 -1.93 -1.06 15.18
CA MET B 79 -2.48 -0.19 14.16
C MET B 79 -2.97 1.12 14.76
N MET B 80 -3.62 1.03 15.91
CA MET B 80 -4.15 2.21 16.58
C MET B 80 -3.01 3.13 17.02
N LYS B 81 -1.88 2.54 17.39
CA LYS B 81 -0.68 3.33 17.71
C LYS B 81 -0.22 4.13 16.48
N MET B 82 -0.26 3.49 15.32
CA MET B 82 0.19 4.10 14.08
C MET B 82 -0.75 5.20 13.60
N ILE B 83 -2.06 4.93 13.68
CA ILE B 83 -3.07 5.86 13.21
C ILE B 83 -3.06 7.15 14.01
N GLY B 84 -2.79 7.05 15.31
CA GLY B 84 -2.72 8.22 16.17
C GLY B 84 -4.08 8.66 16.64
N LYS B 85 -4.10 9.72 17.45
CA LYS B 85 -5.34 10.18 18.08
C LYS B 85 -6.14 11.14 17.22
N HIS B 86 -7.46 11.09 17.38
CA HIS B 86 -8.36 12.07 16.80
C HIS B 86 -9.67 12.10 17.60
N LYS B 87 -10.29 13.28 17.67
CA LYS B 87 -11.49 13.47 18.47
C LYS B 87 -12.63 12.53 18.09
N ASN B 88 -12.79 12.27 16.78
CA ASN B 88 -13.93 11.52 16.30
C ASN B 88 -13.64 10.05 15.98
N ILE B 89 -12.66 9.48 16.67
CA ILE B 89 -12.42 8.04 16.62
C ILE B 89 -12.28 7.52 18.05
N ILE B 90 -12.47 6.22 18.23
CA ILE B 90 -12.17 5.58 19.52
C ILE B 90 -10.66 5.49 19.69
N ASN B 91 -10.11 6.25 20.63
CA ASN B 91 -8.66 6.33 20.78
C ASN B 91 -8.06 5.31 21.74
N LEU B 92 -6.83 4.91 21.44
CA LEU B 92 -6.05 4.07 22.34
C LEU B 92 -5.53 4.92 23.50
N LEU B 93 -5.66 4.42 24.72
CA LEU B 93 -5.30 5.19 25.90
C LEU B 93 -4.13 4.57 26.68
N GLY B 94 -3.94 3.27 26.50
CA GLY B 94 -2.88 2.55 27.19
C GLY B 94 -3.05 1.05 27.03
N ALA B 95 -2.16 0.29 27.63
CA ALA B 95 -2.22 -1.17 27.53
C ALA B 95 -1.52 -1.89 28.68
N CYS B 96 -2.04 -3.06 29.02
CA CYS B 96 -1.37 -3.96 29.95
C CYS B 96 -0.90 -5.19 29.17
N THR B 97 0.38 -5.22 28.82
CA THR B 97 0.89 -6.24 27.92
C THR B 97 1.79 -7.25 28.63
N GLN B 98 2.28 -6.88 29.82
CA GLN B 98 3.28 -7.68 30.52
C GLN B 98 2.70 -8.45 31.71
N ASP B 99 3.21 -9.66 31.91
CA ASP B 99 2.93 -10.45 33.11
C ASP B 99 1.44 -10.72 33.31
N GLY B 100 0.77 -11.16 32.25
CA GLY B 100 -0.65 -11.46 32.34
C GLY B 100 -1.39 -11.18 31.06
N PRO B 101 -2.74 -11.29 31.10
CA PRO B 101 -3.61 -11.10 29.93
C PRO B 101 -3.41 -9.75 29.27
N LEU B 102 -3.49 -9.72 27.94
CA LEU B 102 -3.37 -8.46 27.21
C LEU B 102 -4.62 -7.60 27.41
N TYR B 103 -4.42 -6.42 28.00
CA TYR B 103 -5.51 -5.46 28.15
C TYR B 103 -5.27 -4.28 27.22
N VAL B 104 -6.21 -4.04 26.31
CA VAL B 104 -6.13 -2.88 25.42
C VAL B 104 -7.10 -1.81 25.88
N ILE B 105 -6.57 -0.68 26.34
CA ILE B 105 -7.37 0.35 26.97
C ILE B 105 -7.74 1.47 26.01
N VAL B 106 -9.03 1.62 25.77
CA VAL B 106 -9.52 2.62 24.83
C VAL B 106 -10.59 3.52 25.45
N GLU B 107 -11.00 4.55 24.72
CA GLU B 107 -11.99 5.50 25.19
C GLU B 107 -13.37 4.86 25.35
N TYR B 108 -14.12 5.34 26.33
CA TYR B 108 -15.43 4.77 26.63
C TYR B 108 -16.56 5.70 26.20
N ALA B 109 -17.58 5.13 25.56
CA ALA B 109 -18.73 5.90 25.10
C ALA B 109 -19.98 5.41 25.84
N SER B 110 -20.54 6.29 26.68
CA SER B 110 -21.59 5.90 27.60
C SER B 110 -22.98 5.79 26.96
N LYS B 111 -23.14 6.33 25.75
CA LYS B 111 -24.46 6.41 25.14
C LYS B 111 -24.66 5.43 23.98
N GLY B 112 -23.91 4.35 23.98
CA GLY B 112 -24.08 3.30 22.97
C GLY B 112 -23.70 3.74 21.57
N ASN B 113 -24.07 2.95 20.57
CA ASN B 113 -23.75 3.28 19.19
C ASN B 113 -24.78 4.21 18.56
N LEU B 114 -24.41 4.77 17.42
CA LEU B 114 -25.21 5.80 16.76
C LEU B 114 -26.61 5.32 16.36
N ARG B 115 -26.73 4.05 15.98
CA ARG B 115 -28.03 3.50 15.60
C ARG B 115 -28.98 3.44 16.80
N GLU B 116 -28.44 3.09 17.97
CA GLU B 116 -29.23 3.05 19.19
C GLU B 116 -29.47 4.45 19.76
N TYR B 117 -28.49 5.33 19.56
CA TYR B 117 -28.58 6.72 19.98
C TYR B 117 -29.72 7.43 19.25
N LEU B 118 -29.78 7.25 17.93
CA LEU B 118 -30.79 7.88 17.10
C LEU B 118 -32.19 7.35 17.39
N GLN B 119 -32.33 6.02 17.46
CA GLN B 119 -33.62 5.40 17.70
C GLN B 119 -34.22 5.81 19.04
N ALA B 120 -33.36 6.00 20.04
CA ALA B 120 -33.81 6.34 21.39
C ALA B 120 -34.25 7.81 21.48
N ARG B 121 -34.08 8.54 20.39
CA ARG B 121 -34.47 9.95 20.35
C ARG B 121 -35.40 10.23 19.17
N ARG B 122 -36.01 9.15 18.68
CA ARG B 122 -37.01 9.25 17.62
C ARG B 122 -38.28 9.92 18.12
N PRO B 123 -38.70 11.00 17.43
CA PRO B 123 -40.06 11.49 17.64
C PRO B 123 -41.05 10.47 17.10
N PRO B 124 -42.32 10.52 17.52
CA PRO B 124 -43.31 9.58 16.98
C PRO B 124 -44.24 10.18 15.93
N GLY B 125 -43.70 10.51 14.76
CA GLY B 125 -44.48 11.09 13.68
C GLY B 125 -43.99 10.68 12.31
N GLN B 139 -34.80 14.39 22.16
CA GLN B 139 -35.18 14.93 20.86
C GLN B 139 -33.99 15.60 20.17
N LEU B 140 -33.79 15.28 18.90
CA LEU B 140 -32.69 15.83 18.12
C LEU B 140 -33.17 16.84 17.09
N SER B 141 -32.58 18.03 17.11
CA SER B 141 -32.89 19.04 16.12
C SER B 141 -32.25 18.68 14.78
N SER B 142 -32.59 19.43 13.74
CA SER B 142 -32.05 19.16 12.41
C SER B 142 -30.56 19.49 12.34
N LYS B 143 -30.11 20.40 13.21
CA LYS B 143 -28.70 20.78 13.28
C LYS B 143 -27.88 19.74 14.02
N ASP B 144 -28.51 19.05 14.96
CA ASP B 144 -27.85 17.97 15.70
C ASP B 144 -27.55 16.81 14.77
N LEU B 145 -28.48 16.54 13.85
CA LEU B 145 -28.33 15.44 12.91
C LEU B 145 -27.20 15.72 11.91
N VAL B 146 -27.15 16.95 11.41
CA VAL B 146 -26.13 17.35 10.46
C VAL B 146 -24.76 17.36 11.13
N SER B 147 -24.70 17.91 12.34
CA SER B 147 -23.47 17.92 13.13
C SER B 147 -22.95 16.51 13.33
N CYS B 148 -23.86 15.59 13.60
CA CYS B 148 -23.51 14.18 13.78
C CYS B 148 -22.85 13.61 12.53
N ALA B 149 -23.38 13.99 11.37
CA ALA B 149 -22.83 13.55 10.09
C ALA B 149 -21.44 14.16 9.84
N TYR B 150 -21.29 15.43 10.22
CA TYR B 150 -20.00 16.11 10.09
C TYR B 150 -18.92 15.41 10.90
N GLN B 151 -19.27 15.02 12.13
CA GLN B 151 -18.30 14.41 13.04
C GLN B 151 -17.83 13.05 12.56
N VAL B 152 -18.75 12.25 12.02
CA VAL B 152 -18.39 10.94 11.47
C VAL B 152 -17.47 11.12 10.26
N ALA B 153 -17.81 12.09 9.42
CA ALA B 153 -16.99 12.39 8.24
C ALA B 153 -15.59 12.87 8.63
N ARG B 154 -15.53 13.72 9.65
CA ARG B 154 -14.25 14.24 10.14
C ARG B 154 -13.34 13.12 10.64
N GLY B 155 -13.94 12.15 11.33
CA GLY B 155 -13.20 10.99 11.82
C GLY B 155 -12.74 10.10 10.68
N MET B 156 -13.58 9.96 9.67
CA MET B 156 -13.23 9.14 8.51
C MET B 156 -12.14 9.81 7.67
N GLU B 157 -12.23 11.14 7.56
CA GLU B 157 -11.22 11.90 6.85
C GLU B 157 -9.85 11.67 7.48
N TYR B 158 -9.82 11.64 8.81
CA TYR B 158 -8.57 11.41 9.53
C TYR B 158 -8.06 9.99 9.32
N LEU B 159 -8.94 9.01 9.47
CA LEU B 159 -8.58 7.62 9.25
C LEU B 159 -8.08 7.40 7.82
N ALA B 160 -8.73 8.06 6.87
CA ALA B 160 -8.33 7.98 5.46
C ALA B 160 -6.93 8.56 5.25
N SER B 161 -6.64 9.64 5.96
CA SER B 161 -5.33 10.29 5.84
C SER B 161 -4.23 9.43 6.46
N LYS B 162 -4.64 8.43 7.25
CA LYS B 162 -3.70 7.50 7.85
C LYS B 162 -3.75 6.15 7.13
N LYS B 163 -4.24 6.17 5.89
CA LYS B 163 -4.32 4.98 5.05
C LYS B 163 -5.11 3.85 5.70
N CYS B 164 -6.09 4.21 6.51
CA CYS B 164 -6.95 3.22 7.17
C CYS B 164 -8.30 3.07 6.46
N ILE B 165 -8.66 1.82 6.17
CA ILE B 165 -9.94 1.53 5.55
C ILE B 165 -10.82 0.73 6.51
N HIS B 166 -12.05 1.20 6.72
CA HIS B 166 -12.92 0.60 7.72
C HIS B 166 -13.55 -0.70 7.26
N ARG B 167 -14.04 -0.71 6.01
CA ARG B 167 -14.66 -1.87 5.37
C ARG B 167 -16.02 -2.26 5.97
N ASP B 168 -16.47 -1.55 7.00
CA ASP B 168 -17.81 -1.74 7.54
C ASP B 168 -18.28 -0.48 8.26
N LEU B 169 -18.21 0.64 7.56
CA LEU B 169 -18.68 1.91 8.11
C LEU B 169 -20.20 1.91 8.18
N ALA B 170 -20.73 1.97 9.40
CA ALA B 170 -22.17 2.00 9.62
C ALA B 170 -22.46 2.60 10.98
N ALA B 171 -23.68 3.09 11.16
CA ALA B 171 -24.09 3.72 12.41
C ALA B 171 -23.82 2.83 13.62
N ARG B 172 -23.86 1.52 13.41
CA ARG B 172 -23.61 0.56 14.49
C ARG B 172 -22.14 0.61 14.94
N ASN B 173 -21.25 1.01 14.04
CA ASN B 173 -19.83 1.12 14.36
C ASN B 173 -19.40 2.55 14.67
N VAL B 174 -20.35 3.35 15.15
CA VAL B 174 -20.06 4.70 15.59
C VAL B 174 -20.60 4.90 17.00
N LEU B 175 -19.69 5.15 17.93
CA LEU B 175 -20.06 5.25 19.34
C LEU B 175 -20.23 6.69 19.79
N VAL B 176 -21.18 6.92 20.69
CA VAL B 176 -21.47 8.27 21.18
C VAL B 176 -21.09 8.41 22.66
N THR B 177 -20.23 9.38 22.96
CA THR B 177 -19.81 9.62 24.34
C THR B 177 -20.89 10.38 25.12
N GLU B 178 -20.61 10.64 26.39
CA GLU B 178 -21.52 11.40 27.24
C GLU B 178 -21.67 12.83 26.73
N ASP B 179 -20.60 13.34 26.12
CA ASP B 179 -20.61 14.70 25.57
C ASP B 179 -21.08 14.73 24.13
N ASN B 180 -21.84 13.70 23.74
CA ASN B 180 -22.42 13.61 22.40
C ASN B 180 -21.39 13.74 21.28
N VAL B 181 -20.17 13.27 21.54
CA VAL B 181 -19.14 13.27 20.52
C VAL B 181 -19.16 11.95 19.75
N MET B 182 -19.24 12.04 18.42
CA MET B 182 -19.24 10.86 17.56
C MET B 182 -17.84 10.28 17.44
N LYS B 183 -17.71 8.99 17.68
CA LYS B 183 -16.42 8.31 17.60
C LYS B 183 -16.50 7.00 16.81
N ILE B 184 -15.75 6.93 15.71
CA ILE B 184 -15.71 5.74 14.88
C ILE B 184 -15.04 4.56 15.59
N ALA B 185 -15.66 3.40 15.52
CA ALA B 185 -15.13 2.20 16.18
C ALA B 185 -14.76 1.12 15.18
N ASP B 186 -13.98 0.14 15.65
CA ASP B 186 -13.61 -1.04 14.87
C ASP B 186 -12.97 -0.71 13.52
N PHE B 187 -12.16 0.34 13.49
CA PHE B 187 -11.48 0.75 12.26
C PHE B 187 -10.14 0.04 12.12
N GLY B 188 -9.61 -0.47 13.23
CA GLY B 188 -8.33 -1.16 13.25
C GLY B 188 -8.51 -2.66 13.31
N LEU B 189 -9.74 -3.11 13.11
CA LEU B 189 -10.06 -4.54 13.14
C LEU B 189 -9.44 -5.27 11.96
N TYR B 198 -20.03 -15.04 4.28
CA TYR B 198 -20.12 -13.68 4.84
C TYR B 198 -21.42 -13.01 4.40
N TYR B 199 -21.56 -12.84 3.08
CA TYR B 199 -22.64 -12.09 2.39
C TYR B 199 -24.04 -12.41 2.90
N LYS B 200 -24.36 -13.68 3.14
CA LYS B 200 -25.73 -13.99 3.63
C LYS B 200 -25.71 -14.10 5.16
N LYS B 201 -24.77 -13.42 5.82
CA LYS B 201 -24.61 -13.50 7.29
C LYS B 201 -25.15 -12.24 7.95
N THR B 202 -26.17 -12.36 8.80
CA THR B 202 -26.81 -11.16 9.39
C THR B 202 -26.03 -10.61 10.58
N THR B 203 -26.43 -9.43 11.05
CA THR B 203 -25.87 -8.80 12.26
C THR B 203 -27.14 -8.92 13.08
N ASN B 204 -27.42 -7.97 13.96
CA ASN B 204 -28.53 -8.15 14.93
C ASN B 204 -29.84 -7.75 14.23
N GLY B 205 -30.11 -8.44 13.11
CA GLY B 205 -31.32 -8.24 12.28
C GLY B 205 -31.01 -7.68 10.91
N ARG B 206 -29.78 -7.24 10.65
CA ARG B 206 -29.49 -6.58 9.36
C ARG B 206 -28.36 -7.27 8.59
N LEU B 207 -28.21 -6.91 7.32
CA LEU B 207 -27.18 -7.50 6.44
C LEU B 207 -26.15 -6.44 6.07
N PRO B 208 -24.88 -6.63 6.46
CA PRO B 208 -23.78 -5.68 6.19
C PRO B 208 -23.58 -5.43 4.70
N VAL B 209 -24.10 -6.32 3.85
CA VAL B 209 -23.99 -6.14 2.41
C VAL B 209 -24.75 -4.91 1.93
N LYS B 210 -25.70 -4.46 2.75
CA LYS B 210 -26.51 -3.30 2.42
C LYS B 210 -25.78 -2.01 2.74
N TRP B 211 -24.54 -2.15 3.19
CA TRP B 211 -23.67 -1.01 3.44
C TRP B 211 -22.49 -1.03 2.47
N MET B 212 -22.26 -2.18 1.85
CA MET B 212 -21.11 -2.34 0.96
C MET B 212 -21.28 -1.60 -0.35
N ALA B 213 -20.16 -1.08 -0.85
CA ALA B 213 -20.10 -0.52 -2.19
C ALA B 213 -20.15 -1.67 -3.20
N PRO B 214 -20.74 -1.43 -4.38
CA PRO B 214 -20.83 -2.43 -5.45
C PRO B 214 -19.51 -3.15 -5.73
N GLU B 215 -18.42 -2.40 -5.86
CA GLU B 215 -17.12 -3.00 -6.14
C GLU B 215 -16.68 -3.90 -4.98
N ALA B 216 -17.09 -3.56 -3.77
CA ALA B 216 -16.79 -4.38 -2.60
C ALA B 216 -17.83 -5.48 -2.44
N LEU B 217 -18.98 -5.29 -3.08
CA LEU B 217 -20.07 -6.26 -3.02
C LEU B 217 -19.88 -7.36 -4.06
N PHE B 218 -19.47 -6.96 -5.26
CA PHE B 218 -19.30 -7.89 -6.36
C PHE B 218 -17.89 -8.49 -6.42
N ASP B 219 -16.88 -7.65 -6.17
CA ASP B 219 -15.49 -8.04 -6.41
C ASP B 219 -14.63 -8.02 -5.14
N ARG B 220 -15.25 -7.73 -4.00
CA ARG B 220 -14.54 -7.64 -2.71
C ARG B 220 -13.38 -6.64 -2.77
N ILE B 221 -13.58 -5.55 -3.52
CA ILE B 221 -12.59 -4.49 -3.61
C ILE B 221 -12.86 -3.38 -2.60
N TYR B 222 -11.92 -3.18 -1.67
CA TYR B 222 -12.10 -2.17 -0.63
C TYR B 222 -11.10 -1.02 -0.75
N THR B 223 -11.63 0.19 -0.94
CA THR B 223 -10.81 1.40 -0.94
C THR B 223 -11.39 2.40 0.05
N HIS B 224 -10.92 3.64 -0.02
CA HIS B 224 -11.50 4.71 0.77
C HIS B 224 -12.82 5.14 0.14
N GLN B 225 -12.92 5.03 -1.17
CA GLN B 225 -14.12 5.41 -1.90
C GLN B 225 -15.25 4.43 -1.65
N SER B 226 -14.91 3.20 -1.31
CA SER B 226 -15.93 2.22 -0.92
C SER B 226 -16.50 2.62 0.44
N ASP B 227 -15.65 3.15 1.31
CA ASP B 227 -16.09 3.67 2.60
C ASP B 227 -17.01 4.87 2.44
N VAL B 228 -16.76 5.66 1.39
CA VAL B 228 -17.60 6.79 1.07
C VAL B 228 -19.04 6.34 0.77
N TRP B 229 -19.17 5.30 -0.03
CA TRP B 229 -20.47 4.69 -0.29
C TRP B 229 -21.17 4.34 1.01
N SER B 230 -20.43 3.64 1.88
CA SER B 230 -20.95 3.23 3.18
C SER B 230 -21.33 4.43 4.03
N PHE B 231 -20.55 5.51 3.92
CA PHE B 231 -20.87 6.75 4.60
C PHE B 231 -22.21 7.30 4.10
N GLY B 232 -22.49 7.06 2.83
CA GLY B 232 -23.76 7.45 2.23
C GLY B 232 -24.92 6.72 2.90
N VAL B 233 -24.74 5.42 3.13
CA VAL B 233 -25.77 4.63 3.80
C VAL B 233 -25.90 5.09 5.25
N LEU B 234 -24.78 5.48 5.86
CA LEU B 234 -24.77 5.99 7.22
C LEU B 234 -25.52 7.31 7.30
N LEU B 235 -25.38 8.14 6.27
CA LEU B 235 -26.11 9.39 6.17
C LEU B 235 -27.61 9.12 6.22
N TRP B 236 -28.04 8.15 5.43
CA TRP B 236 -29.43 7.71 5.39
C TRP B 236 -29.88 7.23 6.78
N GLU B 237 -29.02 6.47 7.44
CA GLU B 237 -29.32 5.99 8.80
C GLU B 237 -29.55 7.15 9.77
N ILE B 238 -28.77 8.21 9.62
CA ILE B 238 -28.88 9.37 10.50
C ILE B 238 -30.22 10.09 10.33
N PHE B 239 -30.65 10.27 9.08
CA PHE B 239 -31.83 11.08 8.83
C PHE B 239 -33.13 10.27 8.74
N THR B 240 -33.03 8.95 8.90
CA THR B 240 -34.21 8.14 9.14
C THR B 240 -34.24 7.81 10.63
N LEU B 241 -33.23 8.29 11.35
CA LEU B 241 -33.05 8.03 12.77
C LEU B 241 -32.95 6.54 13.07
N GLY B 242 -32.08 5.85 12.34
CA GLY B 242 -31.83 4.45 12.57
C GLY B 242 -32.71 3.51 11.77
N GLY B 243 -33.11 3.94 10.59
CA GLY B 243 -33.95 3.12 9.73
C GLY B 243 -33.21 1.92 9.17
N SER B 244 -33.96 0.99 8.58
CA SER B 244 -33.34 -0.22 8.02
C SER B 244 -33.27 -0.15 6.50
N PRO B 245 -32.03 -0.05 5.96
CA PRO B 245 -31.80 0.08 4.52
C PRO B 245 -32.31 -1.11 3.72
N TYR B 246 -33.01 -0.83 2.61
CA TYR B 246 -33.61 -1.84 1.75
C TYR B 246 -34.39 -2.87 2.56
N PRO B 247 -35.48 -2.44 3.21
CA PRO B 247 -36.22 -3.37 4.08
C PRO B 247 -36.89 -4.48 3.29
N GLY B 248 -36.68 -5.72 3.70
CA GLY B 248 -37.31 -6.85 3.06
C GLY B 248 -36.57 -7.35 1.83
N VAL B 249 -35.55 -6.62 1.41
CA VAL B 249 -34.76 -7.01 0.24
C VAL B 249 -33.68 -8.02 0.62
N PRO B 250 -33.76 -9.23 0.03
CA PRO B 250 -32.74 -10.26 0.26
C PRO B 250 -31.42 -9.92 -0.44
N VAL B 251 -30.38 -10.69 -0.15
CA VAL B 251 -29.05 -10.43 -0.68
C VAL B 251 -29.01 -10.51 -2.21
N GLU B 252 -29.68 -11.52 -2.76
CA GLU B 252 -29.69 -11.76 -4.21
C GLU B 252 -30.25 -10.57 -4.99
N GLU B 253 -31.38 -10.04 -4.53
CA GLU B 253 -32.06 -8.98 -5.23
C GLU B 253 -31.30 -7.65 -5.15
N LEU B 254 -30.52 -7.51 -4.07
CA LEU B 254 -29.73 -6.29 -3.86
C LEU B 254 -28.67 -6.13 -4.95
N PHE B 255 -28.13 -7.25 -5.43
CA PHE B 255 -27.19 -7.22 -6.54
C PHE B 255 -27.84 -6.59 -7.76
N LYS B 256 -29.07 -7.02 -8.03
CA LYS B 256 -29.83 -6.53 -9.17
C LYS B 256 -30.20 -5.06 -9.00
N LEU B 257 -30.78 -4.73 -7.85
CA LEU B 257 -31.23 -3.36 -7.57
C LEU B 257 -30.13 -2.33 -7.79
N LEU B 258 -28.96 -2.60 -7.25
CA LEU B 258 -27.83 -1.67 -7.39
C LEU B 258 -27.39 -1.56 -8.83
N LYS B 259 -27.37 -2.70 -9.53
CA LYS B 259 -26.99 -2.72 -10.94
C LYS B 259 -27.93 -1.89 -11.81
N GLU B 260 -29.23 -1.99 -11.53
CA GLU B 260 -30.24 -1.29 -12.33
C GLU B 260 -30.23 0.22 -12.09
N GLY B 261 -29.51 0.67 -11.07
CA GLY B 261 -29.43 2.08 -10.76
C GLY B 261 -30.39 2.51 -9.68
N HIS B 262 -31.10 1.54 -9.09
CA HIS B 262 -32.01 1.82 -7.99
CA HIS B 262 -32.02 1.83 -8.00
C HIS B 262 -31.25 2.23 -6.74
N ARG B 263 -31.74 3.26 -6.06
CA ARG B 263 -31.13 3.75 -4.84
C ARG B 263 -32.20 4.00 -3.79
N MET B 264 -31.79 4.21 -2.55
CA MET B 264 -32.74 4.45 -1.48
C MET B 264 -33.35 5.85 -1.60
N ASP B 265 -34.63 5.94 -1.27
CA ASP B 265 -35.39 7.18 -1.36
C ASP B 265 -34.92 8.20 -0.32
N LYS B 266 -35.27 9.46 -0.53
CA LYS B 266 -34.94 10.53 0.41
C LYS B 266 -35.77 10.42 1.68
N PRO B 267 -35.10 10.35 2.84
CA PRO B 267 -35.76 10.22 4.15
C PRO B 267 -36.73 11.36 4.43
N SER B 268 -37.71 11.12 5.28
CA SER B 268 -38.70 12.12 5.66
C SER B 268 -38.02 13.35 6.26
N ASN B 269 -38.47 14.52 5.82
CA ASN B 269 -37.98 15.81 6.31
C ASN B 269 -36.50 16.08 6.02
N CYS B 270 -35.82 15.12 5.41
CA CYS B 270 -34.42 15.30 5.00
C CYS B 270 -34.33 16.33 3.88
N THR B 271 -33.40 17.26 4.01
CA THR B 271 -33.22 18.31 3.01
C THR B 271 -32.75 17.72 1.70
N ASN B 272 -33.10 18.37 0.59
CA ASN B 272 -32.78 17.86 -0.73
C ASN B 272 -31.27 17.92 -0.99
N GLU B 273 -30.60 18.91 -0.38
CA GLU B 273 -29.16 19.04 -0.49
C GLU B 273 -28.44 17.85 0.17
N LEU B 274 -28.89 17.49 1.36
CA LEU B 274 -28.31 16.35 2.09
C LEU B 274 -28.59 15.03 1.38
N TYR B 275 -29.66 14.97 0.59
CA TYR B 275 -29.96 13.76 -0.17
C TYR B 275 -29.06 13.67 -1.39
N MET B 276 -28.71 14.82 -1.96
CA MET B 276 -27.78 14.86 -3.07
C MET B 276 -26.43 14.33 -2.63
N MET B 277 -26.07 14.58 -1.37
CA MET B 277 -24.83 14.07 -0.83
C MET B 277 -24.85 12.55 -0.77
N MET B 278 -25.94 11.99 -0.27
CA MET B 278 -26.11 10.54 -0.21
C MET B 278 -25.94 9.92 -1.59
N ARG B 279 -26.66 10.46 -2.57
CA ARG B 279 -26.61 9.94 -3.93
C ARG B 279 -25.23 10.08 -4.54
N ASP B 280 -24.53 11.16 -4.21
CA ASP B 280 -23.15 11.35 -4.66
C ASP B 280 -22.25 10.23 -4.15
N CYS B 281 -22.41 9.87 -2.88
CA CYS B 281 -21.66 8.76 -2.31
C CYS B 281 -22.07 7.45 -2.96
N TRP B 282 -23.26 7.43 -3.56
CA TRP B 282 -23.82 6.22 -4.14
C TRP B 282 -23.65 6.13 -5.65
N HIS B 283 -22.68 6.84 -6.20
CA HIS B 283 -22.36 6.71 -7.62
C HIS B 283 -21.63 5.39 -7.84
N ALA B 284 -21.98 4.69 -8.91
CA ALA B 284 -21.40 3.38 -9.22
C ALA B 284 -19.88 3.44 -9.34
N VAL B 285 -19.38 4.48 -10.00
CA VAL B 285 -17.94 4.62 -10.17
C VAL B 285 -17.33 5.34 -8.98
N PRO B 286 -16.38 4.67 -8.30
CA PRO B 286 -15.73 5.20 -7.10
C PRO B 286 -15.08 6.57 -7.30
N SER B 287 -14.60 6.84 -8.51
CA SER B 287 -13.93 8.11 -8.78
C SER B 287 -14.90 9.28 -8.89
N GLN B 288 -16.20 8.97 -9.00
CA GLN B 288 -17.21 10.03 -9.10
C GLN B 288 -17.83 10.33 -7.74
N ARG B 289 -17.65 9.41 -6.80
CA ARG B 289 -18.04 9.70 -5.42
C ARG B 289 -17.11 10.78 -4.88
N PRO B 290 -17.62 11.60 -3.96
CA PRO B 290 -16.75 12.59 -3.32
C PRO B 290 -15.79 11.93 -2.33
N THR B 291 -14.68 12.60 -2.02
CA THR B 291 -13.77 12.11 -1.00
C THR B 291 -14.26 12.58 0.36
N PHE B 292 -13.71 12.00 1.42
CA PHE B 292 -14.10 12.39 2.77
C PHE B 292 -13.67 13.82 3.06
N LYS B 293 -12.59 14.26 2.42
CA LYS B 293 -12.13 15.64 2.54
C LYS B 293 -13.20 16.62 2.04
N GLN B 294 -13.77 16.32 0.88
CA GLN B 294 -14.83 17.15 0.33
C GLN B 294 -16.10 17.07 1.16
N LEU B 295 -16.41 15.87 1.64
CA LEU B 295 -17.58 15.66 2.49
C LEU B 295 -17.48 16.49 3.76
N VAL B 296 -16.28 16.59 4.31
CA VAL B 296 -16.05 17.39 5.52
C VAL B 296 -16.23 18.87 5.21
N GLU B 297 -15.72 19.30 4.06
CA GLU B 297 -15.86 20.69 3.63
C GLU B 297 -17.34 21.07 3.48
N ASP B 298 -18.06 20.29 2.68
CA ASP B 298 -19.48 20.54 2.44
C ASP B 298 -20.31 20.50 3.73
N LEU B 299 -20.09 19.47 4.54
CA LEU B 299 -20.83 19.32 5.80
C LEU B 299 -20.52 20.44 6.78
N ASP B 300 -19.30 20.97 6.72
CA ASP B 300 -18.89 22.06 7.60
C ASP B 300 -19.77 23.28 7.37
N ARG B 301 -20.01 23.60 6.10
CA ARG B 301 -20.84 24.74 5.75
C ARG B 301 -22.31 24.49 6.08
N ILE B 302 -22.80 23.29 5.78
CA ILE B 302 -24.19 22.94 6.06
C ILE B 302 -24.51 23.05 7.55
N VAL B 303 -23.58 22.59 8.39
CA VAL B 303 -23.73 22.74 9.84
C VAL B 303 -23.88 24.21 10.21
N ALA B 304 -23.06 25.05 9.60
CA ALA B 304 -23.06 26.48 9.88
C ALA B 304 -24.31 27.19 9.38
N LEU B 305 -24.97 26.62 8.38
CA LEU B 305 -26.11 27.27 7.75
C LEU B 305 -27.45 26.66 8.16
N THR B 306 -27.41 25.61 8.98
CA THR B 306 -28.64 24.97 9.43
C THR B 306 -29.11 25.59 10.75
N SER B 307 -30.43 25.68 10.93
CA SER B 307 -31.00 26.21 12.17
C SER B 307 -31.32 25.08 13.14
N ASN B 308 -31.57 25.43 14.40
CA ASN B 308 -31.90 24.43 15.41
C ASN B 308 -33.36 24.48 15.86
CBE 8ZF C . 13.84 -12.86 -3.53
CBF 8ZF C . 13.49 -13.55 -2.22
OBG 8ZF C . 13.77 -12.64 -1.14
CBH 8ZF C . 12.91 -11.48 -1.20
CBI 8ZF C . 13.03 -10.82 -2.56
NBD 8ZF C . 14.14 -11.44 -3.30
CBC 8ZF C . 14.32 -10.78 -4.59
CBA 8ZF C . 15.55 -9.87 -4.58
NAZ 8ZF C . 15.80 -8.93 -3.68
CBB 8ZF C . 16.52 -9.90 -5.46
CAY 8ZF C . 17.43 -8.97 -5.16
CAX 8ZF C . 16.95 -8.37 -4.03
NAW 8ZF C . 17.60 -7.38 -3.43
CAV 8ZF C . 18.79 -6.92 -3.94
CAR 8ZF C . 19.29 -7.51 -5.09
CAN 8ZF C . 20.48 -7.00 -5.54
CAQ 8ZF C . 18.62 -8.58 -5.70
NAO 8ZF C . 19.16 -9.10 -6.85
CAS 8ZF C . 18.56 -10.21 -7.66
CAT 8ZF C . 17.56 -9.71 -8.70
CAP 8ZF C . 20.24 -8.54 -7.42
OAU 8ZF C . 20.64 -8.95 -8.51
NAM 8ZF C . 20.91 -7.54 -6.83
CAD 8ZF C . 21.94 -6.91 -7.43
CAE 8ZF C . 21.59 -5.86 -8.27
FAL 8ZF C . 20.25 -5.53 -8.48
CAC 8ZF C . 23.28 -7.23 -7.23
FAK 8ZF C . 23.66 -8.29 -6.38
CAB 8ZF C . 24.25 -6.48 -7.90
OAI 8ZF C . 25.55 -6.84 -7.69
CAJ 8ZF C . 26.46 -5.98 -8.37
CAA 8ZF C . 23.91 -5.43 -8.75
CAF 8ZF C . 22.56 -5.13 -8.93
OAG 8ZF C . 22.10 -4.13 -9.72
CAH 8ZF C . 22.79 -2.91 -9.46
S SO4 D . 15.47 -11.01 -15.83
O1 SO4 D . 16.31 -10.00 -16.47
O2 SO4 D . 14.33 -11.30 -16.69
O3 SO4 D . 16.25 -12.23 -15.62
O4 SO4 D . 14.97 -10.52 -14.54
S SO4 E . 7.69 -11.38 -20.58
O1 SO4 E . 8.71 -11.47 -21.62
O2 SO4 E . 6.91 -10.16 -20.78
O3 SO4 E . 6.82 -12.55 -20.66
O4 SO4 E . 8.34 -11.35 -19.27
S SO4 F . -0.67 -10.55 -17.56
O1 SO4 F . -0.05 -10.08 -18.81
O2 SO4 F . -1.85 -11.35 -17.90
O3 SO4 F . 0.28 -11.36 -16.82
O4 SO4 F . -1.06 -9.40 -16.76
S SO4 G . 23.25 -10.96 -13.66
O1 SO4 G . 24.47 -10.15 -13.61
O2 SO4 G . 23.01 -11.36 -15.04
O3 SO4 G . 23.44 -12.16 -12.85
O4 SO4 G . 22.13 -10.17 -13.12
CBE 8ZF H . -23.43 -0.58 26.54
CBF 8ZF H . -23.84 -0.27 27.96
OBG 8ZF H . -23.09 0.88 28.43
CBH 8ZF H . -23.35 2.03 27.60
CBI 8ZF H . -22.92 1.73 26.17
NBD 8ZF H . -22.40 0.36 26.08
CBC 8ZF H . -22.01 0.04 24.70
CBA 8ZF H . -20.53 0.36 24.47
NAZ 8ZF H . -19.91 1.44 24.91
CBB 8ZF H . -19.69 -0.39 23.80
CAY 8ZF H . -18.48 0.19 23.80
CAX 8ZF H . -18.64 1.34 24.50
NAW 8ZF H . -17.64 2.19 24.70
CAV 8ZF H . -16.39 1.92 24.18
CAR 8ZF H . -16.21 0.76 23.46
CAN 8ZF H . -14.93 0.54 22.98
CAQ 8ZF H . -17.26 -0.15 23.29
NAO 8ZF H . -17.02 -1.27 22.53
CAS 8ZF H . -18.03 -2.32 22.19
CAT 8ZF H . -18.13 -3.37 23.29
CAP 8ZF H . -15.84 -1.46 21.92
OAU 8ZF H . -15.70 -2.43 21.17
NAM 8ZF H . -14.81 -0.62 22.09
CAD 8ZF H . -13.66 -0.78 21.44
CAE 8ZF H . -13.56 -0.18 20.18
FAL 8ZF H . -14.62 0.49 19.71
CAC 8ZF H . -12.56 -1.47 21.95
FAK 8ZF H . -12.64 -2.06 23.16
CAB 8ZF H . -11.40 -1.55 21.19
OAI 8ZF H . -10.36 -2.25 21.74
CAJ 8ZF H . -9.18 -2.18 20.92
CAA 8ZF H . -11.30 -0.96 19.93
CAF 8ZF H . -12.41 -0.26 19.44
OAG 8ZF H . -12.43 0.35 18.22
CAH 8ZF H . -11.11 0.65 17.73
S SO4 I . -27.61 -2.81 13.00
O1 SO4 I . -26.71 -2.09 12.09
O2 SO4 I . -28.74 -3.35 12.25
O3 SO4 I . -26.88 -3.90 13.65
O4 SO4 I . -28.12 -1.89 14.02
S SO4 J . -14.82 21.22 17.08
O1 SO4 J . -15.36 22.51 17.51
O2 SO4 J . -14.91 21.10 15.63
O3 SO4 J . -15.58 20.15 17.72
O4 SO4 J . -13.41 21.13 17.50
#